data_3VL9
#
_entry.id   3VL9
#
_cell.length_a   62.757
_cell.length_b   79.283
_cell.length_c   80.374
_cell.angle_alpha   90.00
_cell.angle_beta   90.00
_cell.angle_gamma   90.00
#
_symmetry.space_group_name_H-M   'P 21 21 21'
#
loop_
_entity.id
_entity.type
_entity.pdbx_description
1 polymer 'Xyloglucan-specific endo-beta-1,4-glucanase A'
2 branched beta-D-glucopyranose-(1-4)-[alpha-D-xylopyranose-(1-6)]beta-D-glucopyranose-(1-4)-[alpha-D-xylopyranose-(1-6)]beta-D-glucopyranose-(1-4)-beta-D-glucopyranose
3 branched beta-D-glucopyranose-(1-4)-[alpha-D-xylopyranose-(1-6)]beta-D-glucopyranose-(1-4)-beta-D-glucopyranose-(1-4)-beta-D-glucopyranose
4 water water
#
_entity_poly.entity_id   1
_entity_poly.type   'polypeptide(L)'
_entity_poly.pdbx_seq_one_letter_code
;GPLGSASLQRRSDFCGQWDTATAGDFTLYNDLWGESAGTGSQCTGVDSYSGDTIAWHTSWSWSGGSSSVKSYVNAALTFT
PTQLNCISSIPTTWKWSYSGSSIVADVAYDTFLAETASGSSKYEIMVWLAALGGAGPISSTGSTIATPTIAGVNWKLYSG
PNGDTTVYSFVADSTTESFSGDLNDFFTYLVDNEGVSDELYLTTLEAGTEPFTGSNAKLTVSEYSISIE
;
_entity_poly.pdbx_strand_id   A,B
#
# COMPACT_ATOMS: atom_id res chain seq x y z
N LEU A 8 -2.62 37.46 5.28
CA LEU A 8 -3.16 36.83 6.52
C LEU A 8 -2.15 35.79 7.02
N GLN A 9 -2.09 35.59 8.33
CA GLN A 9 -1.30 34.49 8.95
C GLN A 9 -2.29 33.45 9.46
N ARG A 10 -2.01 32.19 9.18
CA ARG A 10 -2.88 31.08 9.53
C ARG A 10 -2.15 30.00 10.27
N ARG A 11 -2.91 29.17 11.00
CA ARG A 11 -2.38 27.89 11.47
C ARG A 11 -1.75 27.16 10.31
N SER A 12 -0.48 26.71 10.47
CA SER A 12 0.25 25.97 9.47
C SER A 12 0.38 24.49 9.77
N ASP A 13 0.36 24.11 11.04
CA ASP A 13 0.34 22.72 11.37
C ASP A 13 -0.87 22.05 10.72
N PHE A 14 -0.77 20.80 10.33
CA PHE A 14 -1.90 20.01 9.84
C PHE A 14 -2.40 19.09 10.92
N CYS A 15 -3.71 18.92 10.94
CA CYS A 15 -4.43 18.28 12.01
C CYS A 15 -5.35 17.15 11.59
N GLY A 16 -5.56 16.97 10.29
CA GLY A 16 -6.45 15.95 9.82
C GLY A 16 -5.93 14.53 10.00
N GLN A 17 -6.86 13.61 10.09
CA GLN A 17 -6.53 12.21 10.44
C GLN A 17 -5.46 11.63 9.55
N TRP A 18 -5.59 11.83 8.23
CA TRP A 18 -4.70 11.26 7.23
C TRP A 18 -3.90 12.33 6.50
N ASP A 19 -3.71 13.53 7.08
CA ASP A 19 -2.91 14.57 6.45
C ASP A 19 -1.44 14.18 6.42
N THR A 20 -0.73 14.72 5.46
CA THR A 20 0.69 14.46 5.30
C THR A 20 1.39 15.71 4.81
N ALA A 21 2.72 15.68 4.90
CA ALA A 21 3.57 16.62 4.23
C ALA A 21 4.72 15.88 3.61
N THR A 22 5.20 16.33 2.44
CA THR A 22 6.40 15.79 1.84
C THR A 22 7.56 16.70 2.23
N ALA A 23 8.66 16.12 2.68
CA ALA A 23 9.79 16.90 3.21
C ALA A 23 11.07 16.16 2.85
N GLY A 24 11.73 16.56 1.78
CA GLY A 24 12.96 15.91 1.36
C GLY A 24 12.69 14.42 1.11
N ASP A 25 13.50 13.55 1.70
CA ASP A 25 13.38 12.12 1.50
C ASP A 25 12.22 11.48 2.30
N PHE A 26 11.42 12.30 2.96
CA PHE A 26 10.40 11.83 3.87
C PHE A 26 8.98 12.23 3.51
N THR A 27 8.06 11.40 3.96
CA THR A 27 6.67 11.79 4.14
C THR A 27 6.50 11.92 5.65
N LEU A 28 5.92 13.03 6.11
CA LEU A 28 5.52 13.17 7.51
C LEU A 28 4.03 12.91 7.53
N TYR A 29 3.65 11.81 8.16
CA TYR A 29 2.29 11.36 8.26
C TYR A 29 1.69 11.77 9.58
N ASN A 30 0.45 12.30 9.59
CA ASN A 30 -0.29 12.42 10.82
C ASN A 30 -0.75 11.06 11.33
N ASP A 31 -1.30 10.23 10.44
CA ASP A 31 -1.63 8.84 10.80
C ASP A 31 -2.33 8.76 12.15
N LEU A 32 -3.48 9.43 12.24
CA LEU A 32 -4.27 9.39 13.49
C LEU A 32 -5.20 8.17 13.46
N TRP A 33 -4.58 6.99 13.28
CA TRP A 33 -5.33 5.79 12.91
C TRP A 33 -6.25 5.29 13.97
N GLY A 34 -5.91 5.59 15.21
CA GLY A 34 -6.67 5.19 16.34
C GLY A 34 -7.55 6.24 16.99
N GLU A 35 -7.79 7.36 16.31
CA GLU A 35 -8.50 8.48 16.95
C GLU A 35 -9.89 8.05 17.42
N SER A 36 -10.53 7.08 16.78
CA SER A 36 -11.87 6.69 17.18
C SER A 36 -11.91 6.07 18.57
N ALA A 37 -10.77 5.62 19.10
CA ALA A 37 -10.69 5.04 20.42
C ALA A 37 -10.75 6.03 21.55
N GLY A 38 -10.67 7.32 21.25
CA GLY A 38 -10.80 8.32 22.31
C GLY A 38 -11.18 9.68 21.81
N THR A 39 -10.87 10.65 22.65
CA THR A 39 -11.22 12.02 22.49
C THR A 39 -9.96 12.85 22.49
N GLY A 40 -9.86 13.81 21.57
CA GLY A 40 -8.73 14.70 21.50
C GLY A 40 -8.39 15.08 20.09
N SER A 41 -7.17 15.50 19.90
CA SER A 41 -6.75 16.04 18.61
C SER A 41 -5.22 16.05 18.56
N GLN A 42 -4.70 16.21 17.37
CA GLN A 42 -3.26 16.16 17.16
C GLN A 42 -2.89 16.94 15.89
N CYS A 43 -1.95 17.88 16.02
CA CYS A 43 -1.52 18.72 14.93
C CYS A 43 -0.01 18.65 14.77
N THR A 44 0.47 18.72 13.53
CA THR A 44 1.83 18.32 13.19
C THR A 44 2.41 19.27 12.17
N GLY A 45 3.70 19.51 12.22
CA GLY A 45 4.32 20.33 11.20
C GLY A 45 5.80 20.04 10.99
N VAL A 46 6.26 20.25 9.77
CA VAL A 46 7.66 20.21 9.43
C VAL A 46 8.33 21.51 9.81
N ASP A 47 9.46 21.42 10.46
CA ASP A 47 10.31 22.59 10.76
C ASP A 47 11.41 22.85 9.72
N SER A 48 12.06 21.79 9.25
CA SER A 48 13.13 21.89 8.25
C SER A 48 13.39 20.54 7.68
N TYR A 49 14.08 20.53 6.55
CA TYR A 49 14.50 19.29 5.95
C TYR A 49 15.58 19.55 4.95
N SER A 50 16.38 18.53 4.72
CA SER A 50 17.40 18.58 3.67
C SER A 50 17.80 17.15 3.39
N GLY A 51 17.42 16.66 2.21
CA GLY A 51 17.73 15.29 1.84
C GLY A 51 17.23 14.30 2.87
N ASP A 52 18.14 13.52 3.50
CA ASP A 52 17.80 12.48 4.47
C ASP A 52 17.68 12.92 5.92
N THR A 53 17.50 14.22 6.15
CA THR A 53 17.33 14.75 7.47
C THR A 53 16.08 15.62 7.51
N ILE A 54 15.35 15.51 8.62
CA ILE A 54 14.15 16.29 8.86
C ILE A 54 14.09 16.72 10.35
N ALA A 55 13.46 17.85 10.58
CA ALA A 55 13.10 18.31 11.92
C ALA A 55 11.61 18.60 11.85
N TRP A 56 10.87 18.21 12.88
CA TRP A 56 9.41 18.30 12.88
C TRP A 56 8.88 18.28 14.29
N HIS A 57 7.59 18.52 14.48
CA HIS A 57 6.97 18.50 15.77
C HIS A 57 5.55 18.02 15.65
N THR A 58 5.02 17.54 16.77
CA THR A 58 3.62 17.22 16.85
C THR A 58 3.14 17.54 18.23
N SER A 59 1.89 18.01 18.32
CA SER A 59 1.29 18.28 19.62
CA SER A 59 1.24 18.45 19.56
C SER A 59 -0.06 17.63 19.69
N TRP A 60 -0.44 17.19 20.91
CA TRP A 60 -1.61 16.39 21.04
C TRP A 60 -2.17 16.37 22.45
N SER A 61 -3.47 16.09 22.53
CA SER A 61 -4.13 15.72 23.77
C SER A 61 -5.09 14.58 23.45
N TRP A 62 -5.00 13.48 24.19
CA TRP A 62 -5.85 12.31 23.98
C TRP A 62 -6.33 11.79 25.32
N SER A 63 -7.62 11.49 25.38
CA SER A 63 -8.23 10.95 26.56
C SER A 63 -9.12 9.74 26.12
N GLY A 64 -9.39 8.87 27.08
CA GLY A 64 -10.18 7.70 26.79
C GLY A 64 -9.38 6.59 26.16
N GLY A 65 -9.96 5.41 26.16
CA GLY A 65 -9.34 4.27 25.44
C GLY A 65 -7.92 4.07 25.92
N SER A 66 -7.73 3.93 27.22
CA SER A 66 -6.40 4.07 27.84
CA SER A 66 -6.40 4.08 27.85
C SER A 66 -5.36 3.10 27.30
N SER A 67 -5.79 1.91 26.90
CA SER A 67 -4.86 0.92 26.35
C SER A 67 -4.72 0.95 24.83
N SER A 68 -5.44 1.89 24.19
CA SER A 68 -5.52 1.94 22.74
C SER A 68 -4.67 3.10 22.21
N VAL A 69 -3.74 2.78 21.29
CA VAL A 69 -2.98 3.79 20.58
C VAL A 69 -3.90 4.65 19.74
N LYS A 70 -3.67 5.97 19.78
CA LYS A 70 -4.51 6.93 19.04
C LYS A 70 -3.96 7.31 17.70
N SER A 71 -2.64 7.20 17.54
CA SER A 71 -2.00 7.70 16.33
C SER A 71 -0.56 7.21 16.29
N TYR A 72 0.03 7.44 15.14
CA TYR A 72 1.49 7.22 14.99
C TYR A 72 2.02 8.27 14.03
N VAL A 73 2.09 9.53 14.49
CA VAL A 73 2.70 10.57 13.68
C VAL A 73 4.15 10.17 13.48
N ASN A 74 4.62 10.22 12.25
CA ASN A 74 5.94 9.68 11.95
C ASN A 74 6.52 10.26 10.70
N ALA A 75 7.84 10.27 10.65
CA ALA A 75 8.59 10.56 9.41
C ALA A 75 9.00 9.23 8.77
N ALA A 76 8.52 9.02 7.57
CA ALA A 76 8.67 7.77 6.80
C ALA A 76 9.63 7.98 5.64
N LEU A 77 10.70 7.21 5.58
CA LEU A 77 11.65 7.32 4.48
C LEU A 77 11.01 6.84 3.21
N THR A 78 11.21 7.59 2.13
CA THR A 78 10.85 7.15 0.77
C THR A 78 12.02 6.32 0.20
N PHE A 79 11.75 5.05 -0.08
CA PHE A 79 12.78 4.15 -0.62
C PHE A 79 12.07 2.98 -1.26
N THR A 80 12.83 2.27 -2.10
CA THR A 80 12.34 1.09 -2.77
C THR A 80 12.48 -0.13 -1.86
N PRO A 81 11.39 -0.89 -1.61
CA PRO A 81 11.54 -2.09 -0.76
C PRO A 81 12.70 -2.95 -1.21
N THR A 82 13.51 -3.38 -0.25
CA THR A 82 14.78 -4.04 -0.48
C THR A 82 14.89 -5.23 0.43
N GLN A 83 15.40 -6.34 -0.07
CA GLN A 83 15.57 -7.53 0.76
C GLN A 83 16.69 -7.29 1.76
N LEU A 84 16.52 -7.91 2.95
CA LEU A 84 17.50 -7.68 4.02
C LEU A 84 18.90 -8.08 3.62
N ASN A 85 19.04 -9.16 2.86
CA ASN A 85 20.34 -9.63 2.42
C ASN A 85 21.00 -8.75 1.37
N CYS A 86 20.34 -7.67 0.95
CA CYS A 86 20.95 -6.63 0.10
C CYS A 86 21.33 -5.37 0.85
N ILE A 87 21.06 -5.33 2.16
CA ILE A 87 21.30 -4.14 2.96
C ILE A 87 22.55 -4.34 3.78
N SER A 88 23.49 -3.41 3.71
CA SER A 88 24.69 -3.50 4.54
C SER A 88 24.60 -2.66 5.81
N SER A 89 23.88 -1.52 5.76
CA SER A 89 23.69 -0.72 7.00
C SER A 89 22.55 0.24 6.78
N ILE A 90 21.94 0.66 7.89
CA ILE A 90 20.91 1.65 7.93
C ILE A 90 21.24 2.63 9.05
N PRO A 91 22.19 3.54 8.73
CA PRO A 91 22.58 4.53 9.73
C PRO A 91 21.44 5.47 10.04
N THR A 92 21.26 5.78 11.31
CA THR A 92 20.19 6.69 11.74
C THR A 92 20.67 7.50 12.92
N THR A 93 20.12 8.72 13.00
CA THR A 93 20.27 9.60 14.16
C THR A 93 18.91 10.19 14.53
N TRP A 94 18.64 10.34 15.81
CA TRP A 94 17.36 10.88 16.23
C TRP A 94 17.61 11.66 17.51
N LYS A 95 17.22 12.94 17.50
CA LYS A 95 17.23 13.77 18.71
C LYS A 95 15.83 14.36 18.89
N TRP A 96 15.27 14.17 20.08
CA TRP A 96 13.89 14.58 20.35
C TRP A 96 13.73 14.92 21.84
N SER A 97 12.61 15.59 22.15
CA SER A 97 12.22 15.86 23.52
C SER A 97 10.69 15.97 23.56
N TYR A 98 10.15 15.60 24.72
CA TYR A 98 8.71 15.64 24.99
C TYR A 98 8.41 16.57 26.13
N SER A 99 7.32 17.31 25.99
CA SER A 99 6.70 18.05 27.07
C SER A 99 5.22 17.60 27.13
N GLY A 100 4.58 17.81 28.28
CA GLY A 100 3.16 17.48 28.44
C GLY A 100 2.88 16.88 29.79
N SER A 101 1.61 16.68 30.05
CA SER A 101 1.23 16.13 31.32
C SER A 101 0.55 14.76 31.17
N SER A 102 0.86 13.87 32.12
CA SER A 102 0.36 12.50 32.17
C SER A 102 0.53 11.77 30.85
N ILE A 103 1.72 11.92 30.27
CA ILE A 103 1.97 11.33 28.98
C ILE A 103 2.13 9.83 29.07
N VAL A 104 1.26 9.09 28.39
CA VAL A 104 1.40 7.65 28.22
C VAL A 104 1.61 7.46 26.73
N ALA A 105 2.85 7.16 26.33
CA ALA A 105 3.24 7.21 24.93
C ALA A 105 4.59 6.53 24.75
N ASP A 106 4.92 6.23 23.49
CA ASP A 106 6.25 5.82 23.16
C ASP A 106 6.81 6.75 22.12
N VAL A 107 8.14 6.66 22.01
CA VAL A 107 8.91 7.26 20.89
C VAL A 107 9.62 6.09 20.23
N ALA A 108 9.31 5.79 18.96
CA ALA A 108 9.70 4.52 18.39
C ALA A 108 9.86 4.58 16.89
N TYR A 109 10.86 3.81 16.42
CA TYR A 109 10.92 3.35 15.04
C TYR A 109 9.89 2.30 14.82
N ASP A 110 9.32 2.26 13.64
CA ASP A 110 8.35 1.24 13.22
C ASP A 110 8.75 0.81 11.82
N THR A 111 8.93 -0.51 11.65
CA THR A 111 9.46 -1.08 10.42
C THR A 111 8.69 -2.37 10.11
N PHE A 112 8.66 -2.75 8.84
CA PHE A 112 7.87 -3.91 8.40
C PHE A 112 8.64 -4.72 7.39
N LEU A 113 8.49 -6.05 7.50
CA LEU A 113 9.09 -7.00 6.57
C LEU A 113 7.99 -7.81 5.91
N ALA A 114 8.10 -8.07 4.62
CA ALA A 114 7.13 -8.81 3.84
C ALA A 114 7.84 -9.76 2.89
N GLU A 115 7.11 -10.79 2.46
CA GLU A 115 7.69 -11.74 1.49
C GLU A 115 7.93 -11.14 0.11
N THR A 116 7.15 -10.15 -0.24
CA THR A 116 7.26 -9.47 -1.51
C THR A 116 7.24 -7.99 -1.26
N ALA A 117 7.70 -7.19 -2.20
CA ALA A 117 7.73 -5.73 -2.02
C ALA A 117 6.36 -5.10 -1.85
N SER A 118 5.37 -5.62 -2.58
CA SER A 118 4.00 -5.02 -2.59
C SER A 118 3.01 -5.82 -1.72
N GLY A 119 3.49 -6.85 -1.03
CA GLY A 119 2.61 -7.76 -0.33
C GLY A 119 2.33 -7.38 1.10
N SER A 120 1.48 -8.18 1.73
CA SER A 120 1.12 -7.95 3.12
C SER A 120 2.36 -8.19 4.02
N SER A 121 2.45 -7.43 5.08
CA SER A 121 3.49 -7.58 6.10
C SER A 121 3.36 -8.88 6.88
N LYS A 122 4.50 -9.44 7.28
CA LYS A 122 4.68 -10.65 8.04
C LYS A 122 5.29 -10.43 9.44
N TYR A 123 6.28 -9.56 9.48
CA TYR A 123 6.91 -9.12 10.72
C TYR A 123 6.87 -7.62 10.80
N GLU A 124 6.77 -7.15 12.03
CA GLU A 124 6.94 -5.74 12.34
C GLU A 124 8.01 -5.63 13.41
N ILE A 125 8.91 -4.69 13.29
CA ILE A 125 9.98 -4.50 14.24
C ILE A 125 9.91 -3.04 14.69
N MET A 126 9.71 -2.86 15.99
CA MET A 126 9.72 -1.54 16.59
C MET A 126 10.97 -1.41 17.46
N VAL A 127 11.51 -0.19 17.49
CA VAL A 127 12.66 0.15 18.33
C VAL A 127 12.26 1.38 19.12
N TRP A 128 11.98 1.19 20.39
CA TRP A 128 11.46 2.26 21.29
C TRP A 128 12.62 2.96 22.00
N LEU A 129 12.77 4.25 21.73
CA LEU A 129 13.69 5.10 22.48
C LEU A 129 13.11 5.58 23.80
N ALA A 130 11.80 5.47 23.95
CA ALA A 130 11.16 5.85 25.23
C ALA A 130 9.85 5.11 25.37
N ALA A 131 9.58 4.75 26.62
CA ALA A 131 8.28 4.22 27.12
C ALA A 131 7.86 5.14 28.24
N LEU A 132 6.89 5.99 27.99
CA LEU A 132 6.50 7.03 28.97
C LEU A 132 5.17 6.67 29.59
N GLY A 133 5.05 6.97 30.90
CA GLY A 133 3.78 6.87 31.62
C GLY A 133 3.28 5.47 31.80
N GLY A 134 4.19 4.51 31.68
CA GLY A 134 3.81 3.08 31.81
C GLY A 134 3.48 2.39 30.50
N ALA A 135 3.60 3.10 29.37
CA ALA A 135 3.39 2.47 28.08
C ALA A 135 4.28 1.22 27.96
N GLY A 136 3.72 0.16 27.39
CA GLY A 136 4.46 -1.05 27.20
C GLY A 136 4.23 -1.66 25.83
N PRO A 137 5.21 -2.38 25.34
CA PRO A 137 5.09 -2.97 24.01
C PRO A 137 4.18 -4.18 23.99
N ILE A 138 3.76 -4.53 22.79
CA ILE A 138 3.07 -5.78 22.54
C ILE A 138 3.95 -6.91 23.04
N SER A 139 3.40 -7.82 23.82
CA SER A 139 4.14 -8.90 24.44
C SER A 139 3.19 -10.00 24.86
N SER A 140 3.52 -11.23 24.43
CA SER A 140 2.67 -12.36 24.80
C SER A 140 2.86 -12.82 26.22
N THR A 141 3.91 -12.41 26.90
CA THR A 141 4.18 -12.83 28.27
C THR A 141 4.21 -11.67 29.27
N GLY A 142 4.43 -10.45 28.80
CA GLY A 142 4.71 -9.32 29.64
C GLY A 142 6.17 -9.14 30.08
N SER A 143 7.01 -10.07 29.63
CA SER A 143 8.43 -10.18 30.01
CA SER A 143 8.43 -10.11 29.99
C SER A 143 9.29 -10.28 28.73
N THR A 144 10.57 -10.04 28.87
CA THR A 144 11.50 -10.09 27.75
C THR A 144 11.72 -11.52 27.26
N ILE A 145 12.05 -11.64 25.99
CA ILE A 145 12.62 -12.85 25.44
C ILE A 145 14.13 -12.81 25.37
N ALA A 146 14.72 -11.62 25.38
CA ALA A 146 16.16 -11.43 25.33
C ALA A 146 16.44 -10.01 25.77
N THR A 147 17.67 -9.77 26.19
CA THR A 147 18.11 -8.45 26.62
C THR A 147 19.47 -8.09 25.97
N PRO A 148 19.49 -7.95 24.64
CA PRO A 148 20.75 -7.73 23.93
C PRO A 148 21.21 -6.26 23.95
N THR A 149 22.52 -6.11 23.80
CA THR A 149 23.15 -4.79 23.57
C THR A 149 23.36 -4.62 22.07
N ILE A 150 22.75 -3.58 21.51
CA ILE A 150 22.78 -3.34 20.06
C ILE A 150 22.95 -1.85 19.88
N ALA A 151 23.83 -1.45 18.95
CA ALA A 151 23.97 -0.04 18.59
C ALA A 151 24.16 0.83 19.82
N GLY A 152 24.94 0.33 20.77
CA GLY A 152 25.36 1.08 21.91
C GLY A 152 24.37 1.24 23.03
N VAL A 153 23.24 0.55 22.94
CA VAL A 153 22.17 0.64 23.91
C VAL A 153 21.85 -0.78 24.41
N ASN A 154 21.48 -0.88 25.68
CA ASN A 154 20.98 -2.13 26.26
C ASN A 154 19.48 -2.14 26.08
N TRP A 155 18.95 -3.16 25.40
CA TRP A 155 17.56 -3.25 25.06
C TRP A 155 16.88 -4.39 25.83
N LYS A 156 15.57 -4.25 25.91
CA LYS A 156 14.63 -5.29 26.37
C LYS A 156 13.80 -5.70 25.15
N LEU A 157 13.96 -6.94 24.68
CA LEU A 157 13.24 -7.42 23.50
C LEU A 157 11.97 -8.17 23.92
N TYR A 158 10.85 -7.77 23.32
CA TYR A 158 9.53 -8.37 23.52
C TYR A 158 9.01 -8.88 22.17
N SER A 159 8.06 -9.82 22.24
CA SER A 159 7.38 -10.28 21.05
C SER A 159 5.94 -10.59 21.34
N GLY A 160 5.10 -10.40 20.36
CA GLY A 160 3.72 -10.84 20.46
C GLY A 160 3.02 -10.57 19.13
N PRO A 161 1.84 -11.15 18.98
CA PRO A 161 1.10 -11.06 17.71
C PRO A 161 0.33 -9.77 17.54
N ASN A 162 0.15 -9.38 16.29
CA ASN A 162 -0.88 -8.37 15.97
C ASN A 162 -1.54 -8.88 14.69
N GLY A 163 -2.73 -9.47 14.82
CA GLY A 163 -3.33 -10.17 13.69
C GLY A 163 -2.43 -11.28 13.21
N ASP A 164 -2.21 -11.34 11.90
CA ASP A 164 -1.40 -12.39 11.27
CA ASP A 164 -1.38 -12.40 11.32
C ASP A 164 0.09 -12.00 11.13
N THR A 165 0.56 -11.07 11.97
CA THR A 165 1.97 -10.64 12.01
C THR A 165 2.52 -10.89 13.40
N THR A 166 3.81 -11.03 13.48
CA THR A 166 4.53 -11.02 14.73
C THR A 166 5.25 -9.68 14.86
N VAL A 167 5.09 -9.06 16.02
CA VAL A 167 5.71 -7.79 16.35
C VAL A 167 6.83 -8.03 17.35
N TYR A 168 8.04 -7.66 16.97
CA TYR A 168 9.19 -7.64 17.85
C TYR A 168 9.45 -6.18 18.22
N SER A 169 9.55 -5.91 19.52
CA SER A 169 9.80 -4.57 20.02
C SER A 169 11.06 -4.57 20.88
N PHE A 170 12.08 -3.84 20.46
CA PHE A 170 13.25 -3.59 21.28
C PHE A 170 12.99 -2.28 22.03
N VAL A 171 13.05 -2.31 23.36
CA VAL A 171 12.74 -1.16 24.20
C VAL A 171 14.00 -0.75 24.97
N ALA A 172 14.45 0.49 24.77
CA ALA A 172 15.68 0.95 25.44
C ALA A 172 15.53 0.80 26.96
N ASP A 173 16.60 0.43 27.64
CA ASP A 173 16.55 0.31 29.09
C ASP A 173 16.18 1.62 29.76
N SER A 174 16.63 2.76 29.21
CA SER A 174 16.33 4.08 29.77
C SER A 174 15.92 5.02 28.65
N THR A 175 15.17 6.06 28.99
CA THR A 175 14.74 7.02 27.98
C THR A 175 15.93 7.58 27.23
N THR A 176 15.87 7.55 25.92
CA THR A 176 16.97 7.91 25.06
C THR A 176 16.56 9.04 24.11
N GLU A 177 16.80 10.28 24.50
CA GLU A 177 16.47 11.46 23.69
C GLU A 177 17.42 11.74 22.56
N SER A 178 18.61 11.14 22.61
CA SER A 178 19.58 11.30 21.55
C SER A 178 20.17 9.95 21.24
N PHE A 179 20.06 9.52 19.99
CA PHE A 179 20.44 8.18 19.56
C PHE A 179 21.07 8.22 18.18
N SER A 180 22.15 7.48 18.00
CA SER A 180 22.74 7.27 16.68
C SER A 180 23.32 5.89 16.66
N GLY A 181 23.03 5.17 15.58
CA GLY A 181 23.60 3.83 15.39
C GLY A 181 23.03 3.24 14.12
N ASP A 182 23.34 1.97 13.93
CA ASP A 182 22.96 1.25 12.71
C ASP A 182 21.68 0.42 12.96
N LEU A 183 20.57 0.94 12.43
CA LEU A 183 19.31 0.26 12.62
C LEU A 183 19.27 -1.15 12.02
N ASN A 184 20.08 -1.41 11.00
CA ASN A 184 20.13 -2.75 10.42
C ASN A 184 20.57 -3.79 11.42
N ASP A 185 21.31 -3.39 12.47
CA ASP A 185 21.72 -4.35 13.49
C ASP A 185 20.53 -5.07 14.15
N PHE A 186 19.41 -4.40 14.20
CA PHE A 186 18.21 -5.02 14.80
C PHE A 186 17.67 -6.12 13.87
N PHE A 187 17.73 -5.90 12.55
CA PHE A 187 17.28 -6.91 11.61
C PHE A 187 18.26 -8.09 11.64
N THR A 188 19.56 -7.82 11.65
CA THR A 188 20.52 -8.91 11.77
C THR A 188 20.25 -9.72 13.04
N TYR A 189 19.95 -9.04 14.16
CA TYR A 189 19.71 -9.72 15.38
C TYR A 189 18.56 -10.72 15.24
N LEU A 190 17.47 -10.33 14.59
CA LEU A 190 16.33 -11.20 14.47
C LEU A 190 16.58 -12.32 13.45
N VAL A 191 17.33 -12.05 12.39
CA VAL A 191 17.74 -13.12 11.48
C VAL A 191 18.57 -14.18 12.21
N ASP A 192 19.49 -13.72 13.07
CA ASP A 192 20.39 -14.64 13.77
C ASP A 192 19.73 -15.36 14.92
N ASN A 193 18.79 -14.73 15.59
CA ASN A 193 18.31 -15.22 16.88
C ASN A 193 16.85 -15.62 16.92
N GLU A 194 16.02 -15.19 15.96
CA GLU A 194 14.59 -15.44 16.01
C GLU A 194 14.05 -16.09 14.72
N GLY A 195 14.93 -16.54 13.85
CA GLY A 195 14.44 -17.29 12.67
C GLY A 195 13.79 -16.42 11.59
N VAL A 196 14.03 -15.13 11.61
CA VAL A 196 13.53 -14.25 10.56
C VAL A 196 14.37 -14.44 9.29
N SER A 197 13.70 -14.60 8.13
CA SER A 197 14.42 -14.82 6.89
C SER A 197 15.07 -13.55 6.37
N ASP A 198 16.32 -13.66 5.95
CA ASP A 198 17.02 -12.51 5.34
C ASP A 198 16.61 -12.29 3.89
N GLU A 199 15.67 -13.08 3.39
CA GLU A 199 15.10 -12.86 2.05
C GLU A 199 13.89 -11.97 2.06
N LEU A 200 13.39 -11.63 3.25
CA LEU A 200 12.27 -10.72 3.34
C LEU A 200 12.62 -9.33 2.88
N TYR A 201 11.63 -8.63 2.35
CA TYR A 201 11.73 -7.24 1.94
C TYR A 201 11.43 -6.32 3.12
N LEU A 202 12.35 -5.38 3.35
CA LEU A 202 12.06 -4.25 4.24
C LEU A 202 11.25 -3.27 3.42
N THR A 203 10.04 -2.99 3.88
CA THR A 203 9.11 -2.17 3.12
C THR A 203 8.88 -0.77 3.69
N THR A 204 9.21 -0.59 4.95
CA THR A 204 8.79 0.58 5.72
C THR A 204 9.83 0.92 6.76
N LEU A 205 10.21 2.19 6.82
CA LEU A 205 11.18 2.69 7.81
C LEU A 205 10.59 4.02 8.32
N GLU A 206 9.96 3.99 9.49
CA GLU A 206 9.28 5.12 10.10
C GLU A 206 9.85 5.42 11.48
N ALA A 207 9.76 6.68 11.89
CA ALA A 207 10.19 7.09 13.23
C ALA A 207 9.21 8.13 13.74
N GLY A 208 8.54 7.86 14.84
CA GLY A 208 7.53 8.78 15.37
C GLY A 208 7.15 8.42 16.77
N THR A 209 5.90 8.68 17.10
CA THR A 209 5.39 8.52 18.47
C THR A 209 4.01 7.94 18.48
N GLU A 210 3.79 6.94 19.34
CA GLU A 210 2.43 6.44 19.61
C GLU A 210 1.91 6.97 20.95
N PRO A 211 0.91 7.86 20.93
CA PRO A 211 0.21 8.28 22.15
C PRO A 211 -0.92 7.34 22.51
N PHE A 212 -1.07 7.10 23.81
CA PHE A 212 -2.21 6.46 24.36
C PHE A 212 -3.12 7.55 24.98
N THR A 213 -2.65 8.22 26.04
CA THR A 213 -3.38 9.32 26.67
C THR A 213 -2.35 10.34 27.16
N GLY A 214 -2.82 11.57 27.41
CA GLY A 214 -1.97 12.64 27.89
C GLY A 214 -2.64 13.94 27.51
N SER A 215 -2.07 15.01 28.01
CA SER A 215 -2.65 16.32 27.73
C SER A 215 -1.59 17.38 27.55
N ASN A 216 -1.88 18.29 26.61
CA ASN A 216 -1.01 19.40 26.28
C ASN A 216 0.42 18.92 25.98
N ALA A 217 0.47 17.82 25.23
CA ALA A 217 1.73 17.19 24.88
C ALA A 217 2.36 17.78 23.64
N LYS A 218 3.68 17.78 23.55
CA LYS A 218 4.37 18.20 22.35
C LYS A 218 5.67 17.39 22.23
N LEU A 219 5.84 16.73 21.12
CA LEU A 219 7.09 16.11 20.72
C LEU A 219 7.81 17.04 19.78
N THR A 220 9.04 17.38 20.13
CA THR A 220 9.91 18.15 19.24
C THR A 220 10.99 17.22 18.77
N VAL A 221 11.06 17.00 17.46
CA VAL A 221 12.15 16.23 16.82
C VAL A 221 13.09 17.26 16.21
N SER A 222 14.19 17.52 16.91
CA SER A 222 15.12 18.52 16.45
C SER A 222 15.97 18.03 15.26
N GLU A 223 16.19 16.73 15.18
CA GLU A 223 16.97 16.14 14.09
CA GLU A 223 16.94 16.14 14.07
C GLU A 223 16.57 14.69 13.97
N TYR A 224 16.32 14.25 12.74
CA TYR A 224 16.14 12.84 12.46
C TYR A 224 16.72 12.56 11.09
N SER A 225 17.54 11.53 10.98
CA SER A 225 18.13 11.14 9.71
C SER A 225 18.12 9.63 9.61
N ILE A 226 18.01 9.14 8.39
CA ILE A 226 18.13 7.72 8.14
C ILE A 226 18.45 7.52 6.66
N SER A 227 19.23 6.49 6.36
CA SER A 227 19.50 6.12 4.97
C SER A 227 19.73 4.62 4.94
N ILE A 228 19.68 4.05 3.74
CA ILE A 228 19.93 2.63 3.52
C ILE A 228 21.12 2.48 2.58
N GLU A 229 22.09 1.68 2.99
CA GLU A 229 23.31 1.41 2.21
C GLU A 229 23.36 -0.05 1.90
N GLN B 9 1.53 -34.56 -8.55
CA GLN B 9 0.62 -33.72 -9.37
C GLN B 9 -0.56 -33.30 -8.54
N ARG B 10 -0.73 -31.99 -8.38
CA ARG B 10 -1.82 -31.42 -7.59
C ARG B 10 -2.64 -30.45 -8.42
N ARG B 11 -3.76 -30.05 -7.87
CA ARG B 11 -4.45 -28.82 -8.27
C ARG B 11 -3.48 -27.68 -7.94
N SER B 12 -2.83 -27.15 -8.98
CA SER B 12 -1.90 -26.03 -8.79
C SER B 12 -2.57 -24.68 -8.94
N ASP B 13 -3.74 -24.62 -9.61
CA ASP B 13 -4.51 -23.39 -9.57
C ASP B 13 -4.94 -23.10 -8.12
N PHE B 14 -5.05 -21.81 -7.77
CA PHE B 14 -5.53 -21.37 -6.47
C PHE B 14 -6.94 -20.82 -6.62
N CYS B 15 -7.78 -21.06 -5.62
CA CYS B 15 -9.22 -20.82 -5.73
C CYS B 15 -9.79 -19.98 -4.60
N GLY B 16 -8.97 -19.59 -3.63
CA GLY B 16 -9.48 -18.86 -2.50
C GLY B 16 -9.74 -17.42 -2.82
N GLN B 17 -10.60 -16.81 -2.05
CA GLN B 17 -11.04 -15.44 -2.32
C GLN B 17 -9.90 -14.46 -2.43
N TRP B 18 -8.91 -14.56 -1.52
CA TRP B 18 -7.82 -13.61 -1.42
C TRP B 18 -6.48 -14.29 -1.70
N ASP B 19 -6.48 -15.39 -2.42
CA ASP B 19 -5.21 -16.02 -2.78
C ASP B 19 -4.42 -15.22 -3.78
N THR B 20 -3.10 -15.38 -3.72
CA THR B 20 -2.18 -14.67 -4.61
C THR B 20 -1.08 -15.60 -5.02
N ALA B 21 -0.41 -15.23 -6.09
CA ALA B 21 0.88 -15.87 -6.48
C ALA B 21 1.83 -14.76 -6.80
N THR B 22 3.09 -14.91 -6.43
CA THR B 22 4.15 -14.01 -6.82
C THR B 22 4.75 -14.54 -8.12
N ALA B 23 4.89 -13.66 -9.09
CA ALA B 23 5.26 -14.08 -10.46
C ALA B 23 6.11 -13.02 -11.12
N GLY B 24 7.40 -13.03 -10.77
CA GLY B 24 8.33 -12.11 -11.43
C GLY B 24 8.06 -10.67 -11.04
N ASP B 25 7.76 -9.85 -12.04
CA ASP B 25 7.39 -8.46 -11.81
C ASP B 25 5.96 -8.26 -11.33
N PHE B 26 5.21 -9.36 -11.14
CA PHE B 26 3.79 -9.31 -10.86
C PHE B 26 3.41 -10.01 -9.60
N THR B 27 2.28 -9.61 -9.09
CA THR B 27 1.45 -10.41 -8.23
C THR B 27 0.19 -10.78 -8.99
N LEU B 28 -0.15 -12.07 -8.98
CA LEU B 28 -1.42 -12.52 -9.57
C LEU B 28 -2.40 -12.69 -8.43
N TYR B 29 -3.42 -11.84 -8.42
CA TYR B 29 -4.42 -11.83 -7.36
C TYR B 29 -5.66 -12.53 -7.83
N ASN B 30 -6.19 -13.46 -7.02
CA ASN B 30 -7.54 -14.00 -7.30
C ASN B 30 -8.65 -12.94 -7.08
N ASP B 31 -8.57 -12.22 -5.94
CA ASP B 31 -9.39 -11.05 -5.75
C ASP B 31 -10.88 -11.31 -6.04
N LEU B 32 -11.46 -12.32 -5.39
CA LEU B 32 -12.85 -12.65 -5.63
C LEU B 32 -13.72 -11.74 -4.75
N TRP B 33 -13.59 -10.42 -4.95
CA TRP B 33 -14.12 -9.47 -3.99
C TRP B 33 -15.63 -9.39 -3.96
N GLY B 34 -16.24 -9.76 -5.07
CA GLY B 34 -17.70 -9.64 -5.24
C GLY B 34 -18.41 -10.97 -5.19
N GLU B 35 -17.76 -12.02 -4.69
CA GLU B 35 -18.35 -13.38 -4.76
C GLU B 35 -19.68 -13.48 -3.96
N SER B 36 -19.85 -12.68 -2.93
CA SER B 36 -21.13 -12.68 -2.18
C SER B 36 -22.33 -12.30 -3.04
N ALA B 37 -22.12 -11.66 -4.21
CA ALA B 37 -23.25 -11.28 -5.10
C ALA B 37 -23.83 -12.43 -5.92
N GLY B 38 -23.24 -13.60 -5.83
CA GLY B 38 -23.80 -14.71 -6.58
C GLY B 38 -23.28 -16.05 -6.06
N THR B 39 -23.28 -17.03 -6.94
CA THR B 39 -22.95 -18.39 -6.61
C THR B 39 -21.94 -18.88 -7.64
N GLY B 40 -20.88 -19.52 -7.20
CA GLY B 40 -19.90 -20.05 -8.12
C GLY B 40 -18.54 -20.17 -7.50
N SER B 41 -17.53 -20.20 -8.38
CA SER B 41 -16.17 -20.41 -7.95
C SER B 41 -15.23 -20.00 -9.07
N GLN B 42 -13.97 -19.84 -8.68
CA GLN B 42 -12.99 -19.31 -9.62
C GLN B 42 -11.58 -19.72 -9.18
N CYS B 43 -10.83 -20.33 -10.12
CA CYS B 43 -9.50 -20.85 -9.86
C CYS B 43 -8.53 -20.31 -10.89
N THR B 44 -7.31 -20.02 -10.46
CA THR B 44 -6.37 -19.22 -11.24
C THR B 44 -4.97 -19.77 -11.12
N GLY B 45 -4.16 -19.63 -12.17
CA GLY B 45 -2.77 -20.03 -12.05
C GLY B 45 -1.87 -19.34 -13.04
N VAL B 46 -0.62 -19.22 -12.59
CA VAL B 46 0.46 -18.74 -13.41
C VAL B 46 1.03 -19.87 -14.26
N ASP B 47 1.20 -19.63 -15.55
CA ASP B 47 1.81 -20.58 -16.47
C ASP B 47 3.29 -20.38 -16.64
N SER B 48 3.75 -19.14 -16.69
CA SER B 48 5.17 -18.82 -16.84
C SER B 48 5.37 -17.35 -16.54
N TYR B 49 6.61 -16.95 -16.26
CA TYR B 49 6.94 -15.53 -16.22
C TYR B 49 8.39 -15.36 -16.51
N SER B 50 8.75 -14.17 -16.93
CA SER B 50 10.18 -13.80 -17.14
C SER B 50 10.18 -12.33 -17.35
N GLY B 51 11.29 -11.68 -17.05
CA GLY B 51 11.40 -10.25 -17.37
C GLY B 51 10.20 -9.50 -16.81
N ASP B 52 9.58 -8.73 -17.68
CA ASP B 52 8.36 -7.96 -17.34
C ASP B 52 7.12 -8.57 -17.96
N THR B 53 7.14 -9.88 -18.11
CA THR B 53 6.12 -10.66 -18.80
C THR B 53 5.61 -11.78 -17.92
N ILE B 54 4.36 -12.12 -18.17
CA ILE B 54 3.66 -13.20 -17.49
C ILE B 54 2.63 -13.84 -18.42
N ALA B 55 2.39 -15.13 -18.21
CA ALA B 55 1.32 -15.90 -18.85
C ALA B 55 0.57 -16.57 -17.72
N TRP B 56 -0.76 -16.53 -17.80
CA TRP B 56 -1.60 -17.01 -16.72
C TRP B 56 -2.96 -17.32 -17.26
N HIS B 57 -3.77 -17.92 -16.41
CA HIS B 57 -5.15 -18.26 -16.77
C HIS B 57 -6.04 -18.22 -15.57
N THR B 58 -7.35 -18.09 -15.83
CA THR B 58 -8.36 -18.22 -14.78
C THR B 58 -9.62 -18.84 -15.34
N SER B 59 -10.24 -19.70 -14.54
CA SER B 59 -11.43 -20.44 -14.94
C SER B 59 -12.48 -20.16 -13.88
N TRP B 60 -13.72 -20.04 -14.33
CA TRP B 60 -14.75 -19.65 -13.43
C TRP B 60 -16.13 -20.04 -13.93
N SER B 61 -17.06 -20.19 -12.97
CA SER B 61 -18.50 -20.28 -13.22
C SER B 61 -19.16 -19.40 -12.17
N TRP B 62 -19.99 -18.46 -12.61
CA TRP B 62 -20.68 -17.51 -11.73
C TRP B 62 -22.12 -17.37 -12.17
N SER B 63 -23.05 -17.41 -11.22
N SER B 63 -23.04 -17.40 -11.23
CA SER B 63 -24.44 -17.20 -11.56
CA SER B 63 -24.44 -17.25 -11.57
C SER B 63 -24.98 -16.24 -10.54
C SER B 63 -25.02 -16.30 -10.53
N GLY B 64 -26.09 -15.59 -10.89
CA GLY B 64 -26.73 -14.66 -9.98
C GLY B 64 -26.07 -13.31 -10.05
N GLY B 65 -26.77 -12.27 -9.61
CA GLY B 65 -26.23 -10.90 -9.58
C GLY B 65 -25.75 -10.50 -10.95
N SER B 66 -26.63 -10.47 -11.94
CA SER B 66 -26.27 -10.33 -13.36
C SER B 66 -25.46 -9.07 -13.64
N SER B 67 -25.71 -7.99 -12.90
CA SER B 67 -24.99 -6.73 -13.13
CA SER B 67 -25.00 -6.73 -13.12
C SER B 67 -23.94 -6.46 -12.05
N SER B 68 -23.61 -7.47 -11.24
CA SER B 68 -22.62 -7.32 -10.17
C SER B 68 -21.37 -8.11 -10.50
N VAL B 69 -20.25 -7.39 -10.44
CA VAL B 69 -18.95 -8.03 -10.64
C VAL B 69 -18.68 -9.01 -9.50
N LYS B 70 -18.19 -10.21 -9.85
CA LYS B 70 -17.85 -11.21 -8.85
C LYS B 70 -16.41 -11.19 -8.37
N SER B 71 -15.51 -10.72 -9.23
CA SER B 71 -14.07 -10.79 -8.99
C SER B 71 -13.34 -9.91 -9.95
N TYR B 72 -12.07 -9.74 -9.66
CA TYR B 72 -11.14 -9.11 -10.60
C TYR B 72 -9.80 -9.83 -10.48
N VAL B 73 -9.75 -11.03 -11.03
CA VAL B 73 -8.45 -11.71 -11.10
C VAL B 73 -7.53 -10.92 -12.01
N ASN B 74 -6.30 -10.63 -11.55
CA ASN B 74 -5.47 -9.70 -12.29
C ASN B 74 -4.03 -9.89 -11.94
N ALA B 75 -3.22 -9.54 -12.91
CA ALA B 75 -1.78 -9.40 -12.74
C ALA B 75 -1.45 -7.95 -12.46
N ALA B 76 -0.86 -7.70 -11.27
CA ALA B 76 -0.56 -6.37 -10.78
C ALA B 76 0.96 -6.13 -10.84
N LEU B 77 1.41 -5.08 -11.51
CA LEU B 77 2.83 -4.78 -11.57
C LEU B 77 3.36 -4.30 -10.24
N THR B 78 4.54 -4.78 -9.84
CA THR B 78 5.27 -4.25 -8.70
C THR B 78 6.10 -3.04 -9.19
N PHE B 79 5.79 -1.85 -8.69
CA PHE B 79 6.50 -0.64 -9.11
C PHE B 79 6.33 0.40 -8.02
N THR B 80 7.14 1.46 -8.16
CA THR B 80 7.14 2.59 -7.23
C THR B 80 6.05 3.59 -7.61
N PRO B 81 5.10 3.86 -6.70
CA PRO B 81 4.08 4.87 -7.01
C PRO B 81 4.72 6.17 -7.45
N THR B 82 4.18 6.79 -8.49
CA THR B 82 4.82 7.90 -9.17
C THR B 82 3.74 8.91 -9.53
N GLN B 83 4.05 10.18 -9.31
CA GLN B 83 3.15 11.25 -9.73
C GLN B 83 3.01 11.23 -11.25
N LEU B 84 1.80 11.52 -11.76
CA LEU B 84 1.55 11.44 -13.18
C LEU B 84 2.54 12.33 -13.95
N ASN B 85 2.86 13.52 -13.43
CA ASN B 85 3.71 14.44 -14.15
C ASN B 85 5.17 14.00 -14.19
N CYS B 86 5.50 12.92 -13.49
CA CYS B 86 6.83 12.33 -13.56
C CYS B 86 6.91 11.09 -14.43
N ILE B 87 5.79 10.68 -15.03
CA ILE B 87 5.78 9.48 -15.87
C ILE B 87 6.04 9.84 -17.31
N SER B 88 6.95 9.11 -17.92
CA SER B 88 7.27 9.25 -19.34
C SER B 88 6.45 8.31 -20.22
N SER B 89 6.33 7.05 -19.82
CA SER B 89 5.62 6.04 -20.63
CA SER B 89 5.64 6.05 -20.62
C SER B 89 5.29 4.85 -19.75
N ILE B 90 4.17 4.20 -20.09
CA ILE B 90 3.76 2.95 -19.48
C ILE B 90 3.41 1.99 -20.64
N PRO B 91 4.43 1.47 -21.34
CA PRO B 91 4.21 0.56 -22.46
C PRO B 91 3.63 -0.77 -21.96
N THR B 92 2.71 -1.32 -22.73
CA THR B 92 2.10 -2.59 -22.36
C THR B 92 1.69 -3.34 -23.61
N THR B 93 1.77 -4.67 -23.51
CA THR B 93 1.18 -5.56 -24.50
C THR B 93 0.37 -6.65 -23.78
N TRP B 94 -0.65 -7.13 -24.48
CA TRP B 94 -1.55 -8.12 -23.87
C TRP B 94 -2.16 -8.97 -24.97
N LYS B 95 -1.95 -10.30 -24.88
CA LYS B 95 -2.57 -11.28 -25.78
C LYS B 95 -3.34 -12.26 -24.94
N TRP B 96 -4.61 -12.38 -25.27
CA TRP B 96 -5.53 -13.21 -24.45
C TRP B 96 -6.66 -13.78 -25.32
N SER B 97 -7.35 -14.79 -24.78
CA SER B 97 -8.54 -15.34 -25.41
C SER B 97 -9.44 -15.87 -24.32
N TYR B 98 -10.73 -15.87 -24.60
CA TYR B 98 -11.75 -16.43 -23.72
C TYR B 98 -12.40 -17.66 -24.35
N SER B 99 -12.67 -18.68 -23.54
CA SER B 99 -13.48 -19.83 -23.94
C SER B 99 -14.54 -19.99 -22.89
N GLY B 100 -15.55 -20.77 -23.27
CA GLY B 100 -16.60 -21.11 -22.31
C GLY B 100 -17.97 -20.64 -22.72
N SER B 101 -18.92 -20.77 -21.80
CA SER B 101 -20.30 -20.64 -22.14
C SER B 101 -20.95 -19.43 -21.48
N SER B 102 -21.79 -18.75 -22.23
CA SER B 102 -22.66 -17.72 -21.67
C SER B 102 -21.87 -16.58 -21.00
N ILE B 103 -20.76 -16.16 -21.60
CA ILE B 103 -19.82 -15.31 -20.89
C ILE B 103 -20.32 -13.87 -20.85
N VAL B 104 -20.49 -13.35 -19.62
CA VAL B 104 -20.74 -11.94 -19.40
C VAL B 104 -19.58 -11.50 -18.53
N ALA B 105 -18.64 -10.76 -19.11
CA ALA B 105 -17.37 -10.44 -18.46
C ALA B 105 -16.68 -9.36 -19.26
N ASP B 106 -15.70 -8.71 -18.63
CA ASP B 106 -14.80 -7.81 -19.32
C ASP B 106 -13.36 -8.33 -19.22
N VAL B 107 -12.53 -7.79 -20.09
CA VAL B 107 -11.06 -7.94 -20.03
C VAL B 107 -10.57 -6.51 -19.91
N ALA B 108 -9.89 -6.13 -18.83
CA ALA B 108 -9.61 -4.71 -18.57
C ALA B 108 -8.37 -4.51 -17.72
N TYR B 109 -7.68 -3.43 -18.06
CA TYR B 109 -6.76 -2.79 -17.12
C TYR B 109 -7.55 -2.07 -16.05
N ASP B 110 -6.99 -2.01 -14.86
CA ASP B 110 -7.49 -1.25 -13.75
C ASP B 110 -6.34 -0.56 -13.07
N THR B 111 -6.49 0.74 -12.87
CA THR B 111 -5.40 1.59 -12.41
C THR B 111 -6.00 2.58 -11.42
N PHE B 112 -5.17 3.01 -10.47
CA PHE B 112 -5.66 3.87 -9.38
C PHE B 112 -4.71 5.05 -9.17
N LEU B 113 -5.33 6.20 -8.92
CA LEU B 113 -4.63 7.43 -8.57
C LEU B 113 -5.00 7.84 -7.15
N ALA B 114 -4.01 8.27 -6.39
CA ALA B 114 -4.14 8.64 -4.99
C ALA B 114 -3.43 9.94 -4.70
N GLU B 115 -3.79 10.56 -3.58
CA GLU B 115 -3.13 11.81 -3.17
C GLU B 115 -1.72 11.62 -2.68
N THR B 116 -1.39 10.42 -2.19
CA THR B 116 -0.04 10.10 -1.72
C THR B 116 0.29 8.70 -2.21
N ALA B 117 1.57 8.32 -2.19
CA ALA B 117 2.00 7.00 -2.68
C ALA B 117 1.27 5.88 -1.97
N SER B 118 1.01 6.08 -0.68
CA SER B 118 0.39 5.14 0.24
C SER B 118 -1.12 5.15 0.28
N GLY B 119 -1.74 6.10 -0.40
CA GLY B 119 -3.15 6.37 -0.22
C GLY B 119 -4.07 5.46 -0.99
N SER B 120 -5.29 5.43 -0.51
CA SER B 120 -6.41 4.82 -1.23
C SER B 120 -6.84 5.67 -2.41
N SER B 121 -7.62 5.09 -3.28
CA SER B 121 -7.91 5.75 -4.52
C SER B 121 -8.86 6.94 -4.42
N LYS B 122 -8.53 7.92 -5.26
CA LYS B 122 -9.43 9.05 -5.55
C LYS B 122 -10.06 8.89 -6.94
N TYR B 123 -9.31 8.34 -7.87
CA TYR B 123 -9.78 8.00 -9.19
C TYR B 123 -9.36 6.59 -9.51
N GLU B 124 -10.18 5.96 -10.35
CA GLU B 124 -9.82 4.71 -10.94
C GLU B 124 -9.97 4.86 -12.44
N ILE B 125 -9.01 4.34 -13.18
CA ILE B 125 -9.05 4.41 -14.64
C ILE B 125 -8.98 2.98 -15.16
N MET B 126 -10.01 2.57 -15.88
CA MET B 126 -10.02 1.26 -16.52
C MET B 126 -9.89 1.41 -18.01
N VAL B 127 -9.26 0.40 -18.64
CA VAL B 127 -9.13 0.34 -20.09
C VAL B 127 -9.57 -1.06 -20.47
N TRP B 128 -10.75 -1.13 -21.07
CA TRP B 128 -11.39 -2.40 -21.43
C TRP B 128 -11.03 -2.83 -22.81
N LEU B 129 -10.39 -3.99 -22.95
CA LEU B 129 -10.13 -4.59 -24.24
C LEU B 129 -11.31 -5.39 -24.76
N ALA B 130 -12.21 -5.77 -23.87
CA ALA B 130 -13.43 -6.53 -24.26
C ALA B 130 -14.52 -6.28 -23.28
N ALA B 131 -15.73 -6.18 -23.82
CA ALA B 131 -16.98 -6.19 -23.06
C ALA B 131 -17.82 -7.30 -23.66
N LEU B 132 -17.91 -8.43 -22.98
CA LEU B 132 -18.55 -9.60 -23.50
C LEU B 132 -19.90 -9.82 -22.85
N GLY B 133 -20.87 -10.27 -23.66
CA GLY B 133 -22.16 -10.66 -23.15
C GLY B 133 -23.01 -9.57 -22.54
N GLY B 134 -22.69 -8.30 -22.81
CA GLY B 134 -23.43 -7.17 -22.30
C GLY B 134 -22.75 -6.45 -21.15
N ALA B 135 -21.59 -6.91 -20.72
CA ALA B 135 -20.83 -6.22 -19.67
C ALA B 135 -20.68 -4.74 -20.02
N GLY B 136 -20.90 -3.89 -19.03
CA GLY B 136 -20.74 -2.45 -19.21
C GLY B 136 -20.11 -1.79 -18.03
N PRO B 137 -19.41 -0.68 -18.30
CA PRO B 137 -18.68 0.01 -17.21
C PRO B 137 -19.59 0.86 -16.35
N ILE B 138 -19.05 1.22 -15.19
CA ILE B 138 -19.63 2.22 -14.31
C ILE B 138 -19.89 3.48 -15.11
N SER B 139 -21.10 4.04 -14.99
CA SER B 139 -21.50 5.20 -15.78
C SER B 139 -22.67 5.88 -15.14
N SER B 140 -22.56 7.18 -14.86
CA SER B 140 -23.65 7.93 -14.24
C SER B 140 -24.81 8.17 -15.20
N THR B 141 -24.56 8.14 -16.51
CA THR B 141 -25.61 8.39 -17.53
C THR B 141 -25.95 7.16 -18.37
N GLY B 142 -25.06 6.18 -18.43
CA GLY B 142 -25.26 5.06 -19.31
C GLY B 142 -24.75 5.29 -20.71
N SER B 143 -24.19 6.50 -20.94
CA SER B 143 -23.73 6.93 -22.25
C SER B 143 -22.31 7.48 -22.16
N THR B 144 -21.65 7.57 -23.30
CA THR B 144 -20.27 8.09 -23.35
C THR B 144 -20.20 9.56 -22.99
N ILE B 145 -19.09 9.98 -22.46
CA ILE B 145 -18.74 11.39 -22.31
C ILE B 145 -17.74 11.87 -23.38
N ALA B 146 -17.08 10.96 -24.06
CA ALA B 146 -16.13 11.29 -25.12
C ALA B 146 -15.85 10.01 -25.90
N THR B 147 -15.42 10.16 -27.15
CA THR B 147 -15.06 9.07 -28.01
C THR B 147 -13.67 9.32 -28.71
N PRO B 148 -12.56 9.34 -27.94
CA PRO B 148 -11.18 9.53 -28.53
C PRO B 148 -10.53 8.22 -29.12
N THR B 149 -9.54 8.44 -30.00
CA THR B 149 -8.70 7.40 -30.53
C THR B 149 -7.37 7.51 -29.75
N ILE B 150 -6.94 6.40 -29.17
CA ILE B 150 -5.70 6.34 -28.33
C ILE B 150 -5.09 4.94 -28.51
N ALA B 151 -3.77 4.87 -28.66
CA ALA B 151 -3.05 3.57 -28.76
C ALA B 151 -3.62 2.64 -29.87
N GLY B 152 -4.03 3.29 -30.98
CA GLY B 152 -4.49 2.64 -32.19
C GLY B 152 -5.90 2.12 -32.13
N VAL B 153 -6.63 2.48 -31.07
CA VAL B 153 -7.94 1.90 -30.86
C VAL B 153 -8.92 3.04 -30.72
N ASN B 154 -10.13 2.85 -31.21
CA ASN B 154 -11.19 3.81 -30.98
C ASN B 154 -11.86 3.48 -29.70
N TRP B 155 -11.99 4.49 -28.82
CA TRP B 155 -12.50 4.29 -27.51
C TRP B 155 -13.80 5.00 -27.28
N LYS B 156 -14.58 4.48 -26.36
CA LYS B 156 -15.68 5.18 -25.76
C LYS B 156 -15.31 5.37 -24.28
N LEU B 157 -15.42 6.59 -23.81
CA LEU B 157 -15.13 6.93 -22.42
C LEU B 157 -16.40 7.10 -21.64
N TYR B 158 -16.47 6.45 -20.48
CA TYR B 158 -17.55 6.53 -19.52
C TYR B 158 -17.02 7.04 -18.19
N SER B 159 -17.87 7.62 -17.39
CA SER B 159 -17.55 7.99 -16.01
C SER B 159 -18.69 7.78 -15.07
N GLY B 160 -18.39 7.45 -13.83
CA GLY B 160 -19.38 7.41 -12.79
C GLY B 160 -18.74 7.21 -11.44
N PRO B 161 -19.52 7.34 -10.36
CA PRO B 161 -18.98 7.21 -9.02
C PRO B 161 -18.86 5.79 -8.53
N ASN B 162 -17.89 5.56 -7.68
CA ASN B 162 -17.94 4.37 -6.88
C ASN B 162 -17.58 4.85 -5.49
N GLY B 163 -18.60 5.00 -4.65
CA GLY B 163 -18.45 5.68 -3.38
C GLY B 163 -17.84 7.06 -3.59
N ASP B 164 -16.77 7.34 -2.84
CA ASP B 164 -16.07 8.63 -2.91
CA ASP B 164 -16.08 8.65 -2.93
C ASP B 164 -14.94 8.66 -3.95
N THR B 165 -15.08 7.88 -4.99
CA THR B 165 -14.11 7.96 -6.07
C THR B 165 -14.87 8.16 -7.38
N THR B 166 -14.15 8.57 -8.40
CA THR B 166 -14.68 8.63 -9.75
C THR B 166 -13.95 7.58 -10.59
N VAL B 167 -14.74 6.78 -11.31
CA VAL B 167 -14.20 5.73 -12.20
C VAL B 167 -14.38 6.18 -13.63
N TYR B 168 -13.28 6.29 -14.34
CA TYR B 168 -13.24 6.53 -15.79
C TYR B 168 -12.92 5.21 -16.47
N SER B 169 -13.76 4.82 -17.44
CA SER B 169 -13.51 3.59 -18.20
C SER B 169 -13.46 3.89 -19.67
N PHE B 170 -12.33 3.61 -20.28
CA PHE B 170 -12.17 3.61 -21.73
C PHE B 170 -12.50 2.23 -22.24
N VAL B 171 -13.42 2.12 -23.18
CA VAL B 171 -13.88 0.80 -23.70
C VAL B 171 -13.55 0.72 -25.18
N ALA B 172 -12.82 -0.32 -25.55
CA ALA B 172 -12.42 -0.47 -26.94
C ALA B 172 -13.67 -0.61 -27.82
N ASP B 173 -13.63 -0.06 -29.03
CA ASP B 173 -14.78 -0.18 -29.92
C ASP B 173 -15.00 -1.58 -30.48
N SER B 174 -13.95 -2.39 -30.51
CA SER B 174 -14.00 -3.78 -30.93
C SER B 174 -13.22 -4.62 -29.93
N THR B 175 -13.62 -5.86 -29.73
CA THR B 175 -12.87 -6.80 -28.91
C THR B 175 -11.44 -6.88 -29.40
N THR B 176 -10.49 -6.70 -28.50
CA THR B 176 -9.09 -6.57 -28.83
C THR B 176 -8.30 -7.63 -28.07
N GLU B 177 -8.07 -8.76 -28.74
CA GLU B 177 -7.33 -9.88 -28.16
C GLU B 177 -5.83 -9.73 -28.23
N SER B 178 -5.32 -8.80 -29.05
CA SER B 178 -3.91 -8.46 -29.09
C SER B 178 -3.77 -6.97 -29.02
N PHE B 179 -3.35 -6.45 -27.87
CA PHE B 179 -3.27 -5.03 -27.59
C PHE B 179 -1.82 -4.62 -27.39
N SER B 180 -1.52 -3.45 -27.88
CA SER B 180 -0.28 -2.77 -27.53
C SER B 180 -0.56 -1.32 -27.41
N GLY B 181 0.01 -0.69 -26.39
CA GLY B 181 -0.21 0.72 -26.22
C GLY B 181 0.60 1.28 -25.08
N ASP B 182 0.35 2.55 -24.79
CA ASP B 182 1.00 3.27 -23.70
C ASP B 182 -0.08 3.76 -22.78
N LEU B 183 -0.21 3.13 -21.60
CA LEU B 183 -1.29 3.53 -20.69
C LEU B 183 -1.21 4.96 -20.29
N ASN B 184 0.00 5.54 -20.26
CA ASN B 184 0.11 6.93 -19.87
C ASN B 184 -0.68 7.85 -20.77
N ASP B 185 -0.94 7.43 -22.01
CA ASP B 185 -1.78 8.26 -22.88
C ASP B 185 -3.17 8.48 -22.33
N PHE B 186 -3.70 7.49 -21.62
CA PHE B 186 -5.02 7.61 -21.03
C PHE B 186 -5.00 8.55 -19.85
N PHE B 187 -3.92 8.54 -19.07
CA PHE B 187 -3.78 9.48 -17.94
C PHE B 187 -3.65 10.90 -18.47
N THR B 188 -2.83 11.10 -19.46
CA THR B 188 -2.70 12.41 -20.05
C THR B 188 -4.04 12.91 -20.61
N TYR B 189 -4.79 12.02 -21.23
CA TYR B 189 -6.11 12.36 -21.74
C TYR B 189 -7.02 12.91 -20.63
N LEU B 190 -7.04 12.25 -19.48
CA LEU B 190 -7.87 12.69 -18.37
C LEU B 190 -7.35 13.93 -17.66
N VAL B 191 -6.03 14.11 -17.59
CA VAL B 191 -5.48 15.36 -17.09
C VAL B 191 -5.94 16.51 -17.98
N ASP B 192 -5.88 16.31 -19.29
CA ASP B 192 -6.18 17.38 -20.22
C ASP B 192 -7.67 17.67 -20.29
N ASN B 193 -8.47 16.63 -20.23
CA ASN B 193 -9.91 16.75 -20.60
C ASN B 193 -10.91 16.58 -19.46
N GLU B 194 -10.52 15.98 -18.32
CA GLU B 194 -11.48 15.62 -17.27
C GLU B 194 -11.06 16.10 -15.90
N GLY B 195 -10.14 17.06 -15.88
CA GLY B 195 -9.76 17.73 -14.65
C GLY B 195 -8.97 16.90 -13.64
N VAL B 196 -8.37 15.81 -14.07
CA VAL B 196 -7.55 14.97 -13.18
C VAL B 196 -6.22 15.64 -12.93
N SER B 197 -5.85 15.78 -11.67
CA SER B 197 -4.59 16.44 -11.32
C SER B 197 -3.39 15.59 -11.67
N ASP B 198 -2.44 16.20 -12.35
CA ASP B 198 -1.19 15.51 -12.65
C ASP B 198 -0.21 15.39 -11.51
N GLU B 199 -0.60 15.85 -10.32
CA GLU B 199 0.19 15.69 -9.11
C GLU B 199 -0.25 14.48 -8.31
N LEU B 200 -1.34 13.81 -8.74
CA LEU B 200 -1.74 12.57 -8.08
C LEU B 200 -0.73 11.47 -8.39
N TYR B 201 -0.63 10.52 -7.48
CA TYR B 201 0.22 9.35 -7.63
C TYR B 201 -0.53 8.19 -8.28
N LEU B 202 0.08 7.60 -9.28
CA LEU B 202 -0.35 6.32 -9.81
C LEU B 202 0.20 5.27 -8.87
N THR B 203 -0.69 4.51 -8.25
CA THR B 203 -0.31 3.55 -7.24
C THR B 203 -0.44 2.10 -7.69
N THR B 204 -1.25 1.85 -8.73
CA THR B 204 -1.73 0.50 -9.06
C THR B 204 -1.84 0.36 -10.58
N LEU B 205 -1.26 -0.71 -11.13
CA LEU B 205 -1.36 -1.02 -12.55
C LEU B 205 -1.66 -2.50 -12.68
N GLU B 206 -2.94 -2.81 -12.96
CA GLU B 206 -3.46 -4.16 -12.97
C GLU B 206 -4.10 -4.49 -14.33
N ALA B 207 -4.04 -5.78 -14.71
CA ALA B 207 -4.66 -6.24 -15.95
C ALA B 207 -5.28 -7.59 -15.71
N GLY B 208 -6.60 -7.70 -15.87
CA GLY B 208 -7.31 -8.92 -15.61
C GLY B 208 -8.71 -8.96 -16.16
N THR B 209 -9.62 -9.62 -15.49
CA THR B 209 -10.95 -9.83 -15.99
C THR B 209 -11.96 -9.69 -14.87
N GLU B 210 -13.07 -8.99 -15.17
CA GLU B 210 -14.24 -8.97 -14.27
C GLU B 210 -15.34 -9.84 -14.82
N PRO B 211 -15.63 -10.95 -14.17
CA PRO B 211 -16.81 -11.78 -14.53
C PRO B 211 -18.07 -11.23 -13.84
N PHE B 212 -19.16 -11.33 -14.59
CA PHE B 212 -20.50 -11.12 -14.08
C PHE B 212 -21.16 -12.51 -13.93
N THR B 213 -21.42 -13.16 -15.04
CA THR B 213 -21.99 -14.52 -15.04
C THR B 213 -21.44 -15.31 -16.23
N GLY B 214 -21.53 -16.65 -16.13
CA GLY B 214 -21.11 -17.53 -17.17
C GLY B 214 -20.82 -18.90 -16.59
N SER B 215 -20.56 -19.85 -17.50
CA SER B 215 -20.30 -21.22 -17.07
C SER B 215 -19.07 -21.77 -17.74
N ASN B 216 -18.19 -22.38 -16.96
CA ASN B 216 -16.99 -23.02 -17.50
C ASN B 216 -16.21 -22.09 -18.40
N ALA B 217 -16.12 -20.84 -17.93
CA ALA B 217 -15.40 -19.82 -18.67
C ALA B 217 -13.90 -19.96 -18.33
N LYS B 218 -13.02 -19.65 -19.29
CA LYS B 218 -11.60 -19.64 -19.05
C LYS B 218 -10.97 -18.53 -19.83
N LEU B 219 -10.28 -17.65 -19.13
CA LEU B 219 -9.43 -16.65 -19.76
C LEU B 219 -8.03 -17.24 -19.80
N THR B 220 -7.47 -17.28 -21.01
CA THR B 220 -6.05 -17.62 -21.21
C THR B 220 -5.31 -16.34 -21.59
N VAL B 221 -4.36 -15.93 -20.75
CA VAL B 221 -3.48 -14.80 -21.05
C VAL B 221 -2.19 -15.45 -21.50
N SER B 222 -2.00 -15.49 -22.82
CA SER B 222 -0.76 -16.09 -23.39
C SER B 222 0.46 -15.22 -23.15
N GLU B 223 0.25 -13.91 -23.11
CA GLU B 223 1.34 -13.00 -22.86
C GLU B 223 0.78 -11.68 -22.32
N TYR B 224 1.37 -11.16 -21.28
CA TYR B 224 1.08 -9.83 -20.76
C TYR B 224 2.39 -9.23 -20.30
N SER B 225 2.64 -7.97 -20.69
CA SER B 225 3.84 -7.27 -20.27
CA SER B 225 3.84 -7.27 -20.31
C SER B 225 3.51 -5.80 -20.05
N ILE B 226 4.22 -5.19 -19.12
CA ILE B 226 4.04 -3.79 -18.82
C ILE B 226 5.28 -3.30 -18.09
N SER B 227 5.64 -2.05 -18.31
CA SER B 227 6.68 -1.39 -17.54
C SER B 227 6.29 0.08 -17.38
N ILE B 228 6.96 0.76 -16.44
CA ILE B 228 6.78 2.16 -16.23
C ILE B 228 8.13 2.85 -16.15
N GLU B 229 8.26 3.96 -16.87
CA GLU B 229 9.48 4.79 -16.95
C GLU B 229 9.14 6.24 -16.81
#